data_4RDK
#
_entry.id   4RDK
#
_cell.length_a   139.866
_cell.length_b   139.866
_cell.length_c   64.789
_cell.angle_alpha   90.00
_cell.angle_beta   90.00
_cell.angle_gamma   120.00
#
_symmetry.space_group_name_H-M   'P 61'
#
loop_
_entity.id
_entity.type
_entity.pdbx_description
1 polymer Capsid
2 branched alpha-L-fucopyranose-(1-2)-beta-D-galactopyranose-(1-3)-[alpha-L-fucopyranose-(1-4)]2-acetamido-2-deoxy-alpha-D-glucopyranose
3 water water
#
_entity_poly.entity_id   1
_entity_poly.type   'polypeptide(L)'
_entity_poly.pdbx_seq_one_letter_code
;GPLGSPEFQRTKPFSVPNIPMNLMSNSRVPMLIDGMMVSNDQNQVPQFQNGRVTLDGQLQGTTTVSAACIARMRGRIFNN
NGNYGVNLAELDGNPYHAFDSPAPLGFPDFGNCDLHMTFVKINPTELSTGDPSGKVVIHSYDATFAPHLGTVKLEDNNEL
DQFVGKEVVLELTWVSNRTGATLNLWAVPNYGSNLTQASQLAPPIYPPGFGEAIVYFTSTFPTVSNPKVPCTLPQEFVSH
FVNEQAPTRGDAALLHYVDPDTHRNLGEFKMYPEGYMTCVPNAGGGPQTLPINGVFVFISWVSRYYQL
;
_entity_poly.pdbx_strand_id   A,B
#
loop_
_chem_comp.id
_chem_comp.type
_chem_comp.name
_chem_comp.formula
FUC L-saccharide, alpha linking alpha-L-fucopyranose 'C6 H12 O5'
GAL D-saccharide, beta linking beta-D-galactopyranose 'C6 H12 O6'
NDG D-saccharide, alpha linking 2-acetamido-2-deoxy-alpha-D-glucopyranose 'C8 H15 N O6'
#
# COMPACT_ATOMS: atom_id res chain seq x y z
N LYS A 12 -20.89 18.10 1.99
CA LYS A 12 -21.05 16.67 1.75
C LYS A 12 -21.60 15.94 2.98
N PRO A 13 -22.47 14.95 2.75
CA PRO A 13 -22.86 14.02 3.80
C PRO A 13 -21.68 13.13 4.15
N PHE A 14 -21.48 12.87 5.45
CA PHE A 14 -20.42 12.00 5.91
C PHE A 14 -20.69 10.55 5.51
N SER A 15 -19.63 9.77 5.32
CA SER A 15 -19.75 8.36 5.00
C SER A 15 -18.45 7.66 5.33
N VAL A 16 -18.49 6.32 5.39
CA VAL A 16 -17.27 5.53 5.50
C VAL A 16 -17.17 4.60 4.29
N PRO A 17 -15.96 4.09 4.01
CA PRO A 17 -15.82 3.19 2.85
C PRO A 17 -16.79 2.02 2.90
N ASN A 18 -17.37 1.76 1.73
CA ASN A 18 -18.21 0.61 1.48
C ASN A 18 -17.33 -0.51 0.92
N ILE A 19 -16.31 -0.86 1.70
CA ILE A 19 -15.37 -1.93 1.36
C ILE A 19 -15.30 -2.87 2.57
N PRO A 20 -15.36 -4.19 2.33
CA PRO A 20 -15.27 -5.13 3.46
C PRO A 20 -13.99 -4.92 4.27
N MET A 21 -14.07 -5.10 5.58
CA MET A 21 -12.95 -4.81 6.46
C MET A 21 -11.67 -5.54 6.05
N ASN A 22 -11.81 -6.81 5.66
CA ASN A 22 -10.65 -7.64 5.36
C ASN A 22 -10.02 -7.40 3.99
N LEU A 23 -10.51 -6.38 3.27
CA LEU A 23 -9.87 -5.95 2.03
C LEU A 23 -9.12 -4.64 2.24
N MET A 24 -9.23 -4.06 3.43
CA MET A 24 -8.54 -2.81 3.72
C MET A 24 -7.21 -3.04 4.42
N SER A 25 -6.35 -2.04 4.39
CA SER A 25 -5.01 -2.15 4.98
C SER A 25 -4.97 -1.58 6.39
N ASN A 26 -4.12 -2.20 7.22
CA ASN A 26 -3.69 -1.61 8.47
C ASN A 26 -3.12 -0.22 8.13
N SER A 27 -3.18 0.72 9.07
CA SER A 27 -2.58 2.03 8.83
C SER A 27 -1.16 2.18 9.38
N ARG A 28 -0.66 1.16 10.11
CA ARG A 28 0.69 1.23 10.69
C ARG A 28 1.70 0.31 10.00
N VAL A 29 1.19 -0.72 9.33
CA VAL A 29 1.99 -1.56 8.44
C VAL A 29 1.16 -1.82 7.20
N PRO A 30 1.81 -2.02 6.05
CA PRO A 30 1.05 -2.31 4.83
C PRO A 30 0.67 -3.79 4.76
N MET A 31 -0.40 -4.14 5.48
CA MET A 31 -0.91 -5.51 5.58
C MET A 31 -2.42 -5.44 5.65
N LEU A 32 -3.08 -6.43 5.05
CA LEU A 32 -4.52 -6.50 5.16
C LEU A 32 -4.94 -6.60 6.63
N ILE A 33 -6.09 -6.02 6.94
CA ILE A 33 -6.68 -6.18 8.25
C ILE A 33 -7.24 -7.60 8.35
N ASP A 34 -6.94 -8.29 9.45
CA ASP A 34 -7.45 -9.65 9.67
C ASP A 34 -8.30 -9.78 10.92
N GLY A 35 -8.66 -8.64 11.51
CA GLY A 35 -9.49 -8.66 12.69
C GLY A 35 -9.68 -7.30 13.32
N MET A 36 -10.54 -7.25 14.33
CA MET A 36 -10.59 -6.10 15.22
C MET A 36 -10.80 -6.59 16.64
N MET A 37 -10.38 -5.78 17.60
CA MET A 37 -10.42 -6.17 19.00
C MET A 37 -10.35 -4.93 19.86
N VAL A 38 -10.84 -5.05 21.09
CA VAL A 38 -10.52 -4.05 22.11
C VAL A 38 -9.28 -4.51 22.84
N SER A 39 -8.61 -3.57 23.49
CA SER A 39 -7.42 -3.91 24.25
C SER A 39 -7.82 -4.73 25.48
N ASN A 40 -7.03 -5.77 25.78
CA ASN A 40 -7.28 -6.56 26.97
C ASN A 40 -6.37 -6.13 28.11
N ASP A 41 -5.78 -4.94 27.99
CA ASP A 41 -5.01 -4.30 29.06
C ASP A 41 -5.44 -2.91 29.19
N GLN A 44 -1.73 1.03 28.76
CA GLN A 44 -2.02 0.84 27.33
C GLN A 44 -2.86 1.93 26.64
N VAL A 45 -2.25 3.09 26.40
CA VAL A 45 -2.90 4.23 25.77
C VAL A 45 -2.41 4.40 24.32
N PRO A 46 -3.33 4.41 23.35
CA PRO A 46 -2.85 4.59 21.97
C PRO A 46 -2.51 6.06 21.65
N GLN A 47 -1.33 6.24 21.08
CA GLN A 47 -0.94 7.54 20.55
C GLN A 47 -0.16 7.28 19.26
N PHE A 48 -0.74 6.44 18.40
CA PHE A 48 -0.14 6.13 17.11
C PHE A 48 -0.02 7.42 16.30
N GLN A 49 0.98 7.47 15.44
CA GLN A 49 1.20 8.65 14.60
C GLN A 49 0.79 8.40 13.15
N ASN A 50 0.67 7.13 12.79
CA ASN A 50 0.08 6.77 11.50
C ASN A 50 -1.37 6.34 11.71
N GLY A 51 -2.17 6.45 10.65
CA GLY A 51 -3.59 6.17 10.74
C GLY A 51 -4.39 7.24 11.50
N ARG A 52 -3.83 8.45 11.61
CA ARG A 52 -4.47 9.53 12.36
C ARG A 52 -5.04 10.59 11.43
N VAL A 53 -6.35 10.82 11.54
CA VAL A 53 -7.05 11.81 10.73
C VAL A 53 -8.35 12.14 11.44
N THR A 54 -8.84 13.37 11.28
CA THR A 54 -10.15 13.72 11.81
C THR A 54 -11.24 13.20 10.87
N LEU A 55 -12.46 13.10 11.37
CA LEU A 55 -13.55 12.63 10.53
C LEU A 55 -13.81 13.61 9.38
N ASP A 56 -13.45 14.87 9.56
CA ASP A 56 -13.62 15.83 8.46
C ASP A 56 -12.38 15.94 7.56
N GLY A 57 -11.45 15.01 7.73
CA GLY A 57 -10.38 14.80 6.76
C GLY A 57 -9.09 15.57 6.96
N GLN A 58 -8.78 15.93 8.20
CA GLN A 58 -7.52 16.61 8.49
C GLN A 58 -6.49 15.61 8.99
N LEU A 59 -5.44 15.39 8.20
CA LEU A 59 -4.38 14.45 8.57
C LEU A 59 -3.62 14.90 9.81
N GLN A 60 -3.21 13.95 10.63
CA GLN A 60 -2.44 14.24 11.83
C GLN A 60 -1.20 13.37 11.93
N GLY A 61 -0.29 13.75 12.82
CA GLY A 61 0.92 12.98 13.03
C GLY A 61 1.75 12.83 11.77
N THR A 62 2.13 11.60 11.45
CA THR A 62 2.89 11.32 10.24
C THR A 62 2.00 10.67 9.18
N THR A 63 0.69 10.81 9.34
CA THR A 63 -0.23 10.11 8.47
C THR A 63 -0.33 10.76 7.10
N THR A 64 -0.33 9.93 6.06
CA THR A 64 -0.62 10.44 4.73
C THR A 64 -1.71 9.61 4.04
N VAL A 65 -1.89 9.82 2.75
CA VAL A 65 -3.06 9.30 2.04
C VAL A 65 -2.93 7.83 1.61
N SER A 66 -1.82 7.50 0.97
CA SER A 66 -1.66 6.18 0.33
C SER A 66 -1.07 5.12 1.25
N ALA A 67 -1.61 3.91 1.18
CA ALA A 67 -1.06 2.79 1.90
C ALA A 67 0.34 2.43 1.39
N ALA A 68 0.70 2.93 0.21
CA ALA A 68 2.05 2.72 -0.33
C ALA A 68 3.13 3.44 0.47
N CYS A 69 2.71 4.35 1.35
CA CYS A 69 3.66 5.13 2.15
C CYS A 69 3.90 4.57 3.55
N ILE A 70 3.09 3.60 3.96
CA ILE A 70 3.09 3.17 5.36
C ILE A 70 4.38 2.46 5.77
N ALA A 71 4.99 2.96 6.85
CA ALA A 71 6.18 2.35 7.46
C ALA A 71 7.38 2.34 6.52
N ARG A 72 7.53 3.40 5.74
CA ARG A 72 8.66 3.53 4.83
C ARG A 72 9.48 4.76 5.21
N MET A 73 10.72 4.81 4.74
CA MET A 73 11.58 5.97 4.88
C MET A 73 12.27 6.25 3.56
N ARG A 74 12.79 7.46 3.41
CA ARG A 74 13.62 7.80 2.26
C ARG A 74 14.71 8.76 2.70
N GLY A 75 15.89 8.63 2.11
CA GLY A 75 16.93 9.61 2.36
C GLY A 75 18.28 9.18 1.86
N ARG A 76 19.30 9.96 2.21
CA ARG A 76 20.65 9.71 1.71
C ARG A 76 21.48 9.12 2.82
N ILE A 77 22.14 8.00 2.54
CA ILE A 77 22.96 7.35 3.54
C ILE A 77 24.27 8.12 3.73
N PHE A 78 24.67 8.32 4.98
CA PHE A 78 25.91 9.01 5.28
C PHE A 78 26.80 8.19 6.21
N ASN A 79 28.06 8.59 6.29
CA ASN A 79 29.00 7.97 7.20
C ASN A 79 29.83 9.10 7.78
N ASN A 80 29.77 9.25 9.09
CA ASN A 80 30.55 10.29 9.74
C ASN A 80 30.98 9.89 11.14
N ASN A 81 32.24 10.14 11.47
CA ASN A 81 32.74 9.88 12.81
C ASN A 81 32.53 8.41 13.17
N GLY A 82 32.74 7.53 12.20
CA GLY A 82 32.67 6.10 12.41
C GLY A 82 31.26 5.57 12.59
N ASN A 83 30.27 6.36 12.18
CA ASN A 83 28.88 5.96 12.30
C ASN A 83 28.06 6.27 11.06
N TYR A 84 27.18 5.35 10.71
CA TYR A 84 26.35 5.49 9.53
C TYR A 84 24.99 6.04 9.93
N GLY A 85 24.30 6.64 8.97
CA GLY A 85 22.95 7.13 9.20
C GLY A 85 22.26 7.45 7.90
N VAL A 86 21.04 7.98 8.02
CA VAL A 86 20.29 8.46 6.87
C VAL A 86 19.82 9.88 7.12
N ASN A 87 20.07 10.76 6.16
CA ASN A 87 19.46 12.08 6.14
C ASN A 87 18.10 11.97 5.46
N LEU A 88 17.03 12.13 6.25
CA LEU A 88 15.68 11.84 5.78
C LEU A 88 15.09 12.88 4.84
N ALA A 89 14.23 12.40 3.94
CA ALA A 89 13.40 13.24 3.08
C ALA A 89 11.98 12.67 3.08
N GLU A 90 11.04 13.37 2.46
CA GLU A 90 9.73 12.77 2.23
C GLU A 90 9.85 11.65 1.19
N LEU A 91 8.88 10.76 1.14
CA LEU A 91 8.98 9.57 0.29
C LEU A 91 9.05 9.90 -1.20
N ASP A 92 8.57 11.08 -1.60
CA ASP A 92 8.66 11.46 -3.00
C ASP A 92 9.98 12.13 -3.35
N GLY A 93 10.86 12.25 -2.35
CA GLY A 93 12.17 12.83 -2.57
C GLY A 93 12.25 14.33 -2.27
N ASN A 94 11.09 14.96 -2.08
CA ASN A 94 11.08 16.36 -1.65
C ASN A 94 11.52 16.48 -0.20
N PRO A 95 12.01 17.66 0.19
CA PRO A 95 12.58 17.79 1.54
C PRO A 95 11.56 17.61 2.66
N TYR A 96 12.03 17.04 3.76
CA TYR A 96 11.27 17.01 4.99
C TYR A 96 11.45 18.32 5.77
N HIS A 97 10.33 18.99 6.04
CA HIS A 97 10.29 20.21 6.85
C HIS A 97 9.75 19.90 8.24
N ALA A 98 10.55 20.15 9.27
CA ALA A 98 10.20 19.78 10.64
C ALA A 98 8.95 20.49 11.18
N PHE A 99 8.53 21.57 10.53
CA PHE A 99 7.35 22.29 11.01
C PHE A 99 6.07 21.49 10.80
N ASP A 100 6.05 20.66 9.76
CA ASP A 100 4.82 20.01 9.32
C ASP A 100 4.41 18.77 10.11
N SER A 101 5.38 18.08 10.71
CA SER A 101 5.10 16.78 11.30
C SER A 101 6.24 16.25 12.18
N PRO A 102 5.96 15.22 12.98
CA PRO A 102 6.97 14.67 13.90
C PRO A 102 8.12 14.01 13.15
N ALA A 103 7.85 13.56 11.93
CA ALA A 103 8.85 12.90 11.08
C ALA A 103 8.29 12.93 9.67
N PRO A 104 9.07 12.47 8.68
CA PRO A 104 8.49 12.43 7.33
C PRO A 104 7.21 11.60 7.30
N LEU A 105 6.29 11.93 6.41
CA LEU A 105 5.03 11.20 6.34
C LEU A 105 5.30 9.72 6.05
N GLY A 106 4.56 8.84 6.72
CA GLY A 106 4.70 7.41 6.55
C GLY A 106 5.74 6.74 7.45
N PHE A 107 6.57 7.55 8.10
CA PHE A 107 7.66 7.03 8.92
C PHE A 107 7.10 6.04 9.95
N PRO A 108 7.78 4.89 10.15
CA PRO A 108 7.27 3.91 11.11
C PRO A 108 7.03 4.53 12.49
N ASP A 109 5.91 4.19 13.13
CA ASP A 109 5.62 4.73 14.45
C ASP A 109 5.78 3.68 15.55
N PHE A 110 6.74 2.79 15.36
CA PHE A 110 7.11 1.80 16.36
C PHE A 110 8.32 2.30 17.15
N GLY A 111 8.13 2.49 18.44
CA GLY A 111 9.15 3.11 19.27
C GLY A 111 9.88 2.16 20.21
N ASN A 112 11.12 2.54 20.54
CA ASN A 112 11.95 1.77 21.47
C ASN A 112 12.22 0.34 21.03
N CYS A 113 12.44 0.14 19.74
CA CYS A 113 12.64 -1.21 19.23
C CYS A 113 13.57 -1.22 18.03
N ASP A 114 13.86 -2.41 17.54
CA ASP A 114 14.78 -2.57 16.42
C ASP A 114 13.99 -2.70 15.12
N LEU A 115 14.18 -1.75 14.22
CA LEU A 115 13.49 -1.77 12.94
C LEU A 115 14.40 -2.40 11.90
N HIS A 116 14.00 -3.55 11.39
CA HIS A 116 14.81 -4.25 10.38
C HIS A 116 14.29 -3.84 9.01
N MET A 117 15.08 -3.03 8.32
CA MET A 117 14.67 -2.41 7.06
C MET A 117 15.32 -3.10 5.86
N THR A 118 14.56 -3.15 4.77
CA THR A 118 15.11 -3.49 3.47
C THR A 118 15.12 -2.20 2.67
N PHE A 119 16.14 -1.97 1.87
CA PHE A 119 16.21 -0.73 1.10
C PHE A 119 16.74 -0.93 -0.31
N VAL A 120 16.44 0.03 -1.17
CA VAL A 120 16.96 0.04 -2.54
C VAL A 120 17.40 1.45 -2.92
N LYS A 121 18.45 1.55 -3.73
CA LYS A 121 18.80 2.83 -4.33
C LYS A 121 17.62 3.30 -5.16
N ILE A 122 17.38 4.62 -5.20
CA ILE A 122 16.19 5.13 -5.85
C ILE A 122 16.48 6.18 -6.93
N ASN A 123 17.73 6.60 -7.06
CA ASN A 123 18.13 7.49 -8.16
C ASN A 123 18.20 6.69 -9.47
N PRO A 124 17.44 7.12 -10.50
CA PRO A 124 17.45 6.36 -11.76
C PRO A 124 18.86 6.12 -12.30
N THR A 125 19.79 7.04 -12.06
CA THR A 125 21.14 6.86 -12.60
C THR A 125 21.91 5.75 -11.90
N GLU A 126 21.39 5.33 -10.74
CA GLU A 126 21.98 4.24 -9.97
C GLU A 126 21.24 2.93 -10.22
N LEU A 127 20.31 2.96 -11.17
CA LEU A 127 19.45 1.81 -11.44
C LEU A 127 19.57 1.32 -12.89
N SER A 128 20.74 1.49 -13.49
CA SER A 128 20.95 1.02 -14.85
C SER A 128 21.49 -0.42 -14.88
N THR A 129 22.20 -0.80 -13.82
CA THR A 129 22.84 -2.11 -13.76
C THR A 129 23.12 -2.48 -12.31
N GLY A 130 23.32 -3.77 -12.05
CA GLY A 130 23.68 -4.23 -10.72
C GLY A 130 22.53 -4.38 -9.73
N ASP A 131 22.85 -4.86 -8.55
CA ASP A 131 21.89 -5.06 -7.45
C ASP A 131 21.82 -3.80 -6.60
N PRO A 132 20.65 -3.13 -6.59
CA PRO A 132 20.54 -1.86 -5.88
C PRO A 132 20.12 -2.02 -4.42
N SER A 133 20.01 -3.26 -3.95
CA SER A 133 19.34 -3.51 -2.67
C SER A 133 20.28 -3.78 -1.50
N GLY A 134 19.76 -3.54 -0.30
CA GLY A 134 20.48 -3.82 0.91
C GLY A 134 19.52 -4.00 2.06
N LYS A 135 20.08 -4.17 3.26
CA LYS A 135 19.27 -4.23 4.47
C LYS A 135 20.03 -3.57 5.60
N VAL A 136 19.32 -3.14 6.62
CA VAL A 136 19.96 -2.46 7.73
C VAL A 136 19.00 -2.38 8.93
N VAL A 137 19.56 -2.32 10.12
CA VAL A 137 18.77 -2.16 11.33
C VAL A 137 18.81 -0.70 11.76
N ILE A 138 17.66 -0.17 12.14
CA ILE A 138 17.57 1.17 12.71
C ILE A 138 16.91 1.09 14.08
N HIS A 139 17.61 1.57 15.10
CA HIS A 139 17.05 1.65 16.45
C HIS A 139 16.11 2.84 16.55
N SER A 140 14.87 2.60 17.00
CA SER A 140 13.98 3.74 17.29
C SER A 140 14.15 4.19 18.74
N TYR A 141 15.40 4.43 19.11
CA TYR A 141 15.79 4.84 20.45
C TYR A 141 17.22 5.35 20.47
N ASP A 142 17.63 5.92 21.61
CA ASP A 142 18.89 6.64 21.79
C ASP A 142 18.85 8.01 21.11
N ALA A 143 19.73 8.89 21.54
CA ALA A 143 19.71 10.28 21.07
C ALA A 143 19.98 10.39 19.57
N THR A 144 20.64 9.37 19.02
CA THR A 144 20.96 9.33 17.60
C THR A 144 19.76 8.96 16.73
N PHE A 145 18.66 8.60 17.37
CA PHE A 145 17.38 8.46 16.69
C PHE A 145 16.70 9.83 16.72
N ALA A 146 16.81 10.59 15.64
CA ALA A 146 16.36 11.97 15.64
C ALA A 146 15.63 12.36 14.37
N PRO A 147 14.59 11.57 14.01
CA PRO A 147 13.96 11.80 12.70
C PRO A 147 13.33 13.19 12.58
N HIS A 148 12.86 13.76 13.69
CA HIS A 148 12.30 15.11 13.64
C HIS A 148 13.39 16.13 13.27
N LEU A 149 14.64 15.81 13.59
CA LEU A 149 15.77 16.68 13.28
C LEU A 149 16.32 16.36 11.89
N GLY A 150 15.80 15.29 11.29
CA GLY A 150 16.19 14.91 9.95
C GLY A 150 17.18 13.77 9.81
N THR A 151 17.57 13.15 10.92
CA THR A 151 18.58 12.08 10.85
C THR A 151 18.28 10.90 11.78
N VAL A 152 18.65 9.71 11.32
CA VAL A 152 18.64 8.54 12.18
C VAL A 152 19.92 7.75 11.98
N LYS A 153 20.38 7.11 13.04
CA LYS A 153 21.56 6.25 12.96
C LYS A 153 21.21 4.87 12.39
N LEU A 154 22.09 4.36 11.54
CA LEU A 154 21.99 3.01 11.02
C LEU A 154 23.02 2.14 11.73
N GLU A 155 22.62 0.91 12.09
CA GLU A 155 23.56 -0.03 12.68
C GLU A 155 24.52 -0.56 11.59
N ASP A 156 25.81 -0.48 11.84
CA ASP A 156 26.77 -0.94 10.85
C ASP A 156 26.72 -2.46 10.70
N ASN A 157 26.44 -2.93 9.49
CA ASN A 157 26.43 -4.36 9.20
C ASN A 157 27.53 -4.76 8.22
N ASN A 158 28.46 -3.85 7.99
CA ASN A 158 29.62 -4.08 7.11
C ASN A 158 29.25 -4.11 5.63
N GLU A 159 28.01 -3.79 5.33
CA GLU A 159 27.56 -3.81 3.94
C GLU A 159 26.86 -2.50 3.56
N LEU A 160 27.29 -1.40 4.16
CA LEU A 160 26.69 -0.09 3.89
C LEU A 160 27.58 0.82 3.04
N ASP A 161 28.86 0.49 2.94
CA ASP A 161 29.80 1.41 2.30
C ASP A 161 29.44 1.81 0.87
N GLN A 162 28.95 0.84 0.09
CA GLN A 162 28.63 1.10 -1.31
C GLN A 162 27.47 2.08 -1.45
N PHE A 163 26.75 2.28 -0.35
CA PHE A 163 25.58 3.14 -0.37
C PHE A 163 25.83 4.52 0.21
N VAL A 164 27.02 4.75 0.74
CA VAL A 164 27.32 6.08 1.29
C VAL A 164 27.24 7.11 0.17
N GLY A 165 26.45 8.15 0.40
CA GLY A 165 26.21 9.20 -0.58
C GLY A 165 25.06 8.91 -1.51
N LYS A 166 24.45 7.73 -1.39
CA LYS A 166 23.36 7.35 -2.30
C LYS A 166 21.99 7.56 -1.66
N GLU A 167 21.01 7.96 -2.47
CA GLU A 167 19.65 8.09 -1.98
C GLU A 167 18.95 6.73 -2.05
N VAL A 168 18.28 6.35 -0.97
CA VAL A 168 17.59 5.08 -0.93
C VAL A 168 16.18 5.23 -0.39
N VAL A 169 15.32 4.27 -0.73
CA VAL A 169 14.03 4.15 -0.07
C VAL A 169 14.07 2.89 0.79
N LEU A 170 13.55 3.00 2.01
CA LEU A 170 13.59 1.90 2.97
C LEU A 170 12.19 1.46 3.33
N GLU A 171 12.02 0.16 3.53
CA GLU A 171 10.73 -0.34 4.00
C GLU A 171 10.93 -1.24 5.22
N LEU A 172 9.94 -1.23 6.11
CA LEU A 172 10.01 -2.03 7.32
C LEU A 172 9.74 -3.49 7.00
N THR A 173 10.75 -4.34 7.17
CA THR A 173 10.58 -5.76 6.87
C THR A 173 10.13 -6.54 8.11
N TRP A 174 10.76 -6.28 9.24
CA TRP A 174 10.34 -6.89 10.49
C TRP A 174 10.83 -6.07 11.68
N VAL A 175 10.33 -6.40 12.86
CA VAL A 175 10.64 -5.64 14.07
C VAL A 175 10.97 -6.60 15.20
N SER A 176 11.97 -6.25 16.02
CA SER A 176 12.26 -7.03 17.23
C SER A 176 12.47 -6.12 18.43
N ASN A 177 12.49 -6.70 19.62
CA ASN A 177 12.67 -5.92 20.82
C ASN A 177 14.09 -5.38 20.96
N ARG A 178 14.20 -4.23 21.62
CA ARG A 178 15.48 -3.69 22.05
C ARG A 178 16.02 -4.60 23.16
N THR A 179 17.31 -4.89 23.12
CA THR A 179 17.90 -5.67 24.20
C THR A 179 17.56 -5.06 25.55
N GLY A 180 17.09 -5.88 26.48
CA GLY A 180 16.78 -5.41 27.81
C GLY A 180 15.37 -4.87 27.99
N ALA A 181 14.59 -4.87 26.91
CA ALA A 181 13.22 -4.36 26.95
C ALA A 181 12.26 -5.30 26.24
N THR A 182 10.97 -5.16 26.54
CA THR A 182 9.96 -5.89 25.78
C THR A 182 9.55 -5.06 24.56
N LEU A 183 8.97 -5.72 23.56
CA LEU A 183 8.45 -5.03 22.38
C LEU A 183 7.11 -4.43 22.74
N ASN A 184 7.02 -3.11 22.67
CA ASN A 184 5.81 -2.40 23.07
C ASN A 184 5.22 -1.66 21.88
N LEU A 185 4.13 -2.20 21.33
CA LEU A 185 3.55 -1.67 20.10
C LEU A 185 2.73 -0.40 20.36
N TRP A 186 2.67 0.00 21.62
CA TRP A 186 2.01 1.25 22.01
C TRP A 186 3.01 2.35 22.35
N ALA A 187 4.30 2.03 22.34
CA ALA A 187 5.34 3.03 22.62
C ALA A 187 5.34 4.09 21.51
N VAL A 188 5.47 5.36 21.90
CA VAL A 188 5.60 6.45 20.95
C VAL A 188 7.08 6.72 20.71
N PRO A 189 7.52 6.70 19.43
CA PRO A 189 8.94 6.99 19.20
C PRO A 189 9.33 8.39 19.71
N ASN A 190 10.55 8.53 20.22
CA ASN A 190 11.05 9.83 20.66
C ASN A 190 11.62 10.59 19.47
N TYR A 191 10.75 11.10 18.62
CA TYR A 191 11.14 11.67 17.33
C TYR A 191 12.13 12.82 17.44
N GLY A 192 12.01 13.62 18.49
CA GLY A 192 12.81 14.82 18.62
C GLY A 192 14.07 14.65 19.44
N SER A 193 14.44 13.40 19.70
CA SER A 193 15.65 13.11 20.46
C SER A 193 15.62 13.88 21.79
N ASN A 194 16.75 14.44 22.20
CA ASN A 194 16.80 15.21 23.44
C ASN A 194 16.59 16.70 23.21
N LEU A 195 16.38 17.08 21.95
CA LEU A 195 16.29 18.49 21.57
C LEU A 195 14.93 19.13 21.83
N THR A 196 13.86 18.46 21.41
CA THR A 196 12.53 19.04 21.48
C THR A 196 11.45 17.98 21.36
N GLN A 197 10.26 18.29 21.86
CA GLN A 197 9.11 17.45 21.57
C GLN A 197 8.77 17.71 20.11
N ALA A 198 8.58 16.64 19.35
CA ALA A 198 8.31 16.76 17.93
C ALA A 198 7.05 17.58 17.72
N SER A 199 7.08 18.45 16.70
CA SER A 199 5.91 19.27 16.42
C SER A 199 4.78 18.43 15.84
N GLN A 200 3.56 18.82 16.15
CA GLN A 200 2.37 18.25 15.52
C GLN A 200 2.18 16.76 15.76
N LEU A 201 2.56 16.29 16.94
CA LEU A 201 2.24 14.91 17.33
C LEU A 201 0.73 14.75 17.41
N ALA A 202 0.23 13.65 16.85
CA ALA A 202 -1.18 13.31 17.06
C ALA A 202 -1.32 12.97 18.55
N PRO A 203 -2.44 13.40 19.16
CA PRO A 203 -2.61 13.25 20.61
C PRO A 203 -2.96 11.83 21.06
N PRO A 204 -2.79 11.54 22.36
CA PRO A 204 -3.21 10.24 22.87
C PRO A 204 -4.73 10.16 22.84
N ILE A 205 -5.26 8.95 22.77
CA ILE A 205 -6.71 8.78 22.76
C ILE A 205 -7.18 8.06 24.01
N TYR A 206 -8.24 8.59 24.62
CA TYR A 206 -8.86 7.97 25.79
C TYR A 206 -10.32 7.66 25.49
N PRO A 207 -10.81 6.54 26.01
CA PRO A 207 -12.21 6.13 25.81
C PRO A 207 -13.14 7.12 26.52
N PRO A 208 -14.35 7.31 25.98
CA PRO A 208 -15.25 8.39 26.41
C PRO A 208 -16.16 8.07 27.59
N GLY A 209 -16.32 6.80 27.94
CA GLY A 209 -17.27 6.42 28.98
C GLY A 209 -18.38 5.54 28.41
N PHE A 210 -19.45 5.36 29.18
CA PHE A 210 -20.62 4.61 28.71
C PHE A 210 -20.31 3.16 28.35
N GLY A 211 -19.29 2.61 29.02
CA GLY A 211 -18.89 1.23 28.84
C GLY A 211 -18.04 1.04 27.60
N GLU A 212 -17.70 2.15 26.95
CA GLU A 212 -17.05 2.06 25.65
C GLU A 212 -15.55 1.79 25.72
N ALA A 213 -15.05 1.07 24.72
CA ALA A 213 -13.64 0.73 24.62
C ALA A 213 -13.17 1.03 23.21
N ILE A 214 -11.93 1.50 23.07
CA ILE A 214 -11.37 1.81 21.77
C ILE A 214 -11.21 0.53 20.94
N VAL A 215 -11.58 0.60 19.67
CA VAL A 215 -11.43 -0.53 18.76
C VAL A 215 -10.10 -0.43 18.00
N TYR A 216 -9.38 -1.56 17.97
CA TYR A 216 -8.16 -1.66 17.18
C TYR A 216 -8.36 -2.61 16.02
N PHE A 217 -7.88 -2.20 14.86
CA PHE A 217 -7.85 -3.06 13.70
C PHE A 217 -6.50 -3.76 13.67
N THR A 218 -6.50 -5.07 13.48
CA THR A 218 -5.29 -5.86 13.63
C THR A 218 -4.81 -6.46 12.32
N SER A 219 -3.50 -6.62 12.22
CA SER A 219 -2.88 -7.39 11.15
C SER A 219 -1.80 -8.31 11.71
N THR A 220 -1.71 -9.51 11.19
CA THR A 220 -0.58 -10.37 11.50
C THR A 220 0.64 -9.87 10.73
N PHE A 221 1.75 -9.66 11.44
CA PHE A 221 2.93 -9.01 10.89
C PHE A 221 4.10 -9.43 11.75
N PRO A 222 5.31 -9.51 11.16
CA PRO A 222 6.49 -9.96 11.94
C PRO A 222 7.04 -8.91 12.91
N THR A 223 6.18 -8.42 13.80
CA THR A 223 6.66 -7.78 15.03
C THR A 223 6.95 -8.95 15.97
N VAL A 224 8.19 -9.43 15.94
CA VAL A 224 8.56 -10.67 16.60
C VAL A 224 8.39 -10.57 18.13
N SER A 225 7.70 -11.57 18.69
CA SER A 225 7.29 -11.66 20.10
C SER A 225 5.86 -11.13 20.33
N ASN A 226 5.32 -10.39 19.36
CA ASN A 226 3.94 -9.92 19.43
C ASN A 226 3.43 -9.61 18.03
N PRO A 227 3.18 -10.65 17.23
CA PRO A 227 2.94 -10.49 15.79
C PRO A 227 1.52 -10.09 15.44
N LYS A 228 0.97 -9.15 16.19
CA LYS A 228 -0.36 -8.63 15.92
C LYS A 228 -0.31 -7.12 16.07
N VAL A 229 -0.28 -6.42 14.94
CA VAL A 229 -0.13 -4.96 14.96
C VAL A 229 -1.51 -4.29 15.03
N PRO A 230 -1.74 -3.49 16.08
CA PRO A 230 -3.00 -2.77 16.25
C PRO A 230 -2.92 -1.37 15.67
N CYS A 231 -4.01 -0.89 15.06
CA CYS A 231 -4.09 0.51 14.61
C CYS A 231 -5.50 1.00 14.89
N THR A 232 -5.71 2.31 14.82
CA THR A 232 -7.02 2.84 15.20
C THR A 232 -7.95 3.15 14.02
N LEU A 233 -7.43 3.10 12.80
CA LEU A 233 -8.26 3.23 11.59
C LEU A 233 -7.65 2.46 10.42
N PRO A 234 -8.50 1.80 9.62
CA PRO A 234 -7.99 1.25 8.36
C PRO A 234 -7.46 2.38 7.49
N GLN A 235 -6.41 2.13 6.72
CA GLN A 235 -5.82 3.17 5.89
C GLN A 235 -6.84 3.73 4.90
N GLU A 236 -7.69 2.88 4.36
CA GLU A 236 -8.67 3.36 3.37
C GLU A 236 -9.75 4.25 4.00
N PHE A 237 -9.99 4.13 5.31
CA PHE A 237 -10.81 5.13 6.01
C PHE A 237 -10.12 6.48 5.95
N VAL A 238 -8.81 6.49 6.19
CA VAL A 238 -8.05 7.75 6.17
C VAL A 238 -8.18 8.46 4.83
N SER A 239 -7.92 7.74 3.74
CA SER A 239 -7.98 8.38 2.42
C SER A 239 -9.40 8.78 2.08
N HIS A 240 -10.37 8.01 2.55
CA HIS A 240 -11.78 8.33 2.34
C HIS A 240 -12.11 9.69 2.96
N PHE A 241 -11.71 9.89 4.21
CA PHE A 241 -12.04 11.14 4.90
C PHE A 241 -11.31 12.33 4.27
N VAL A 242 -10.07 12.12 3.85
CA VAL A 242 -9.34 13.19 3.16
C VAL A 242 -10.02 13.55 1.86
N ASN A 243 -10.50 12.54 1.15
CA ASN A 243 -11.20 12.78 -0.11
C ASN A 243 -12.52 13.54 0.08
N GLU A 244 -13.28 13.12 1.08
CA GLU A 244 -14.63 13.66 1.29
C GLU A 244 -14.66 15.04 1.95
N GLN A 245 -13.83 15.24 2.96
CA GLN A 245 -13.82 16.50 3.70
C GLN A 245 -15.23 16.82 4.19
N ALA A 246 -15.96 15.81 4.66
CA ALA A 246 -17.34 16.01 5.09
C ALA A 246 -17.38 16.65 6.47
N PRO A 247 -18.17 17.74 6.62
CA PRO A 247 -18.25 18.39 7.93
C PRO A 247 -18.77 17.47 9.03
N THR A 248 -18.17 17.55 10.21
CA THR A 248 -18.62 16.79 11.36
C THR A 248 -19.86 17.46 11.96
N ARG A 249 -20.96 16.71 12.06
CA ARG A 249 -22.24 17.32 12.43
C ARG A 249 -22.85 16.78 13.72
N GLY A 250 -22.07 16.05 14.51
CA GLY A 250 -22.56 15.55 15.79
C GLY A 250 -21.42 15.10 16.69
N ASP A 251 -21.76 14.65 17.90
CA ASP A 251 -20.76 14.18 18.85
C ASP A 251 -20.03 12.95 18.34
N ALA A 252 -20.77 12.07 17.66
CA ALA A 252 -20.23 10.81 17.19
C ALA A 252 -20.98 10.32 15.96
N ALA A 253 -20.27 9.56 15.13
CA ALA A 253 -20.86 8.94 13.95
C ALA A 253 -21.19 7.48 14.28
N LEU A 254 -22.48 7.15 14.28
CA LEU A 254 -22.91 5.78 14.49
C LEU A 254 -22.67 4.94 13.25
N LEU A 255 -21.95 3.84 13.41
CA LEU A 255 -21.72 2.90 12.32
C LEU A 255 -22.36 1.56 12.66
N HIS A 256 -22.89 0.90 11.63
CA HIS A 256 -23.24 -0.50 11.77
C HIS A 256 -22.27 -1.33 10.93
N TYR A 257 -21.79 -2.42 11.52
CA TYR A 257 -20.93 -3.37 10.83
C TYR A 257 -21.87 -4.47 10.33
N VAL A 258 -22.03 -4.56 9.02
CA VAL A 258 -23.09 -5.38 8.45
C VAL A 258 -22.60 -6.57 7.62
N ASP A 259 -23.45 -7.58 7.49
CA ASP A 259 -23.18 -8.72 6.64
C ASP A 259 -23.02 -8.20 5.22
N PRO A 260 -21.96 -8.64 4.53
CA PRO A 260 -21.65 -8.05 3.22
C PRO A 260 -22.71 -8.30 2.16
N ASP A 261 -23.55 -9.32 2.36
CA ASP A 261 -24.55 -9.69 1.36
C ASP A 261 -25.98 -9.37 1.76
N THR A 262 -26.31 -9.58 3.04
CA THR A 262 -27.68 -9.32 3.49
C THR A 262 -27.83 -7.93 4.11
N HIS A 263 -26.70 -7.33 4.47
CA HIS A 263 -26.68 -6.03 5.13
C HIS A 263 -27.32 -6.03 6.53
N ARG A 264 -27.50 -7.22 7.09
CA ARG A 264 -27.96 -7.34 8.47
C ARG A 264 -26.90 -6.76 9.40
N ASN A 265 -27.32 -5.99 10.40
CA ASN A 265 -26.41 -5.43 11.38
C ASN A 265 -25.82 -6.50 12.31
N LEU A 266 -24.50 -6.53 12.41
CA LEU A 266 -23.79 -7.51 13.24
C LEU A 266 -23.24 -6.88 14.51
N GLY A 267 -23.21 -5.55 14.53
CA GLY A 267 -22.67 -4.84 15.69
C GLY A 267 -22.56 -3.35 15.45
N GLU A 268 -22.81 -2.57 16.51
CA GLU A 268 -22.74 -1.12 16.44
C GLU A 268 -21.41 -0.56 16.94
N PHE A 269 -20.99 0.55 16.34
CA PHE A 269 -19.76 1.25 16.72
C PHE A 269 -20.01 2.75 16.72
N LYS A 270 -19.31 3.49 17.57
CA LYS A 270 -19.34 4.95 17.49
C LYS A 270 -17.97 5.49 17.09
N MET A 271 -17.95 6.30 16.02
CA MET A 271 -16.72 6.98 15.60
C MET A 271 -16.71 8.40 16.13
N TYR A 272 -15.60 8.80 16.73
CA TYR A 272 -15.50 10.15 17.30
C TYR A 272 -14.70 11.07 16.38
N PRO A 273 -14.93 12.38 16.48
CA PRO A 273 -14.35 13.36 15.57
C PRO A 273 -12.83 13.27 15.46
N GLU A 274 -12.18 12.88 16.56
CA GLU A 274 -10.73 12.74 16.61
C GLU A 274 -10.18 11.63 15.71
N GLY A 275 -11.07 10.77 15.21
CA GLY A 275 -10.69 9.75 14.26
C GLY A 275 -10.36 8.39 14.87
N TYR A 276 -11.28 7.87 15.67
CA TYR A 276 -11.16 6.51 16.19
C TYR A 276 -12.58 6.02 16.45
N MET A 277 -12.74 4.72 16.69
CA MET A 277 -14.06 4.22 17.01
C MET A 277 -14.06 3.40 18.28
N THR A 278 -15.26 3.27 18.86
CA THR A 278 -15.44 2.51 20.08
C THR A 278 -16.56 1.51 19.90
N CYS A 279 -16.61 0.56 20.82
CA CYS A 279 -17.72 -0.37 20.93
C CYS A 279 -17.94 -0.65 22.41
N VAL A 280 -19.04 -1.34 22.71
CA VAL A 280 -19.15 -1.99 24.01
C VAL A 280 -18.98 -3.47 23.74
N PRO A 281 -17.84 -4.03 24.15
CA PRO A 281 -17.53 -5.39 23.73
C PRO A 281 -18.30 -6.42 24.53
N ASN A 282 -18.37 -7.63 24.03
CA ASN A 282 -18.85 -8.75 24.81
C ASN A 282 -20.32 -8.63 25.18
N ALA A 283 -21.15 -8.26 24.23
CA ALA A 283 -22.59 -8.14 24.45
C ALA A 283 -23.25 -9.50 24.58
N GLY A 286 -23.55 -15.65 26.38
CA GLY A 286 -23.60 -15.99 24.98
C GLY A 286 -22.32 -15.67 24.23
N PRO A 287 -21.38 -16.63 24.18
CA PRO A 287 -20.14 -16.51 23.40
C PRO A 287 -20.43 -16.37 21.91
N GLN A 288 -19.63 -15.56 21.22
CA GLN A 288 -19.85 -15.29 19.80
C GLN A 288 -18.66 -14.57 19.19
N THR A 289 -18.52 -14.68 17.86
CA THR A 289 -17.42 -14.02 17.16
C THR A 289 -17.93 -13.33 15.91
N LEU A 290 -17.51 -12.07 15.73
CA LEU A 290 -17.87 -11.34 14.52
C LEU A 290 -17.03 -11.86 13.37
N PRO A 291 -17.61 -11.92 12.16
CA PRO A 291 -16.81 -12.24 10.99
C PRO A 291 -15.92 -11.06 10.62
N ILE A 292 -14.90 -11.29 9.80
CA ILE A 292 -13.96 -10.23 9.44
C ILE A 292 -14.24 -9.63 8.07
N ASN A 293 -15.30 -10.10 7.41
CA ASN A 293 -15.61 -9.64 6.05
C ASN A 293 -16.86 -8.77 5.98
N GLY A 294 -17.23 -8.18 7.12
CA GLY A 294 -18.35 -7.27 7.18
C GLY A 294 -18.00 -5.90 6.63
N VAL A 295 -19.04 -5.07 6.46
CA VAL A 295 -18.89 -3.75 5.88
C VAL A 295 -19.40 -2.70 6.86
N PHE A 296 -18.60 -1.67 7.12
CA PHE A 296 -19.06 -0.58 7.98
C PHE A 296 -19.95 0.37 7.19
N VAL A 297 -21.08 0.75 7.80
CA VAL A 297 -22.02 1.67 7.16
C VAL A 297 -22.37 2.78 8.14
N PHE A 298 -22.19 4.03 7.70
CA PHE A 298 -22.61 5.19 8.47
C PHE A 298 -24.13 5.27 8.54
N ILE A 299 -24.66 5.27 9.76
CA ILE A 299 -26.10 5.36 10.00
C ILE A 299 -26.52 6.82 10.16
N SER A 300 -25.94 7.48 11.15
CA SER A 300 -26.25 8.88 11.42
C SER A 300 -25.33 9.45 12.47
N TRP A 301 -25.31 10.78 12.55
CA TRP A 301 -24.69 11.43 13.69
C TRP A 301 -25.57 11.18 14.93
N VAL A 302 -24.94 10.90 16.05
CA VAL A 302 -25.67 10.65 17.29
C VAL A 302 -25.00 11.39 18.44
N SER A 303 -25.71 11.55 19.55
CA SER A 303 -25.12 12.24 20.68
C SER A 303 -24.12 11.34 21.41
N ARG A 304 -23.27 11.96 22.21
CA ARG A 304 -22.28 11.20 22.96
C ARG A 304 -22.95 10.21 23.91
N TYR A 305 -24.23 10.46 24.22
CA TYR A 305 -24.94 9.62 25.17
C TYR A 305 -25.57 8.39 24.55
N TYR A 306 -25.44 8.24 23.22
CA TYR A 306 -25.96 7.05 22.55
C TYR A 306 -25.36 5.80 23.19
N GLN A 307 -26.21 4.92 23.70
CA GLN A 307 -25.74 3.76 24.43
C GLN A 307 -25.61 2.51 23.56
N LEU A 308 -24.37 2.02 23.40
CA LEU A 308 -24.12 0.80 22.67
C LEU A 308 -24.43 -0.43 23.52
N LYS B 12 -25.30 5.89 -7.74
CA LYS B 12 -24.45 7.02 -7.36
C LYS B 12 -23.95 7.77 -8.58
N PRO B 13 -23.81 9.10 -8.47
CA PRO B 13 -23.17 9.88 -9.53
C PRO B 13 -21.70 9.48 -9.63
N PHE B 14 -21.15 9.52 -10.83
CA PHE B 14 -19.76 9.13 -11.03
C PHE B 14 -18.79 10.22 -10.56
N SER B 15 -17.62 9.80 -10.10
CA SER B 15 -16.57 10.74 -9.71
C SER B 15 -15.22 10.04 -9.71
N VAL B 16 -14.15 10.83 -9.69
CA VAL B 16 -12.81 10.29 -9.47
C VAL B 16 -12.26 10.91 -8.19
N PRO B 17 -11.21 10.30 -7.61
CA PRO B 17 -10.65 10.82 -6.36
C PRO B 17 -10.25 12.28 -6.43
N ASN B 18 -10.57 12.97 -5.35
CA ASN B 18 -10.20 14.36 -5.14
C ASN B 18 -8.87 14.41 -4.40
N ILE B 19 -7.89 13.65 -4.89
CA ILE B 19 -6.57 13.56 -4.28
C ILE B 19 -5.55 13.92 -5.36
N PRO B 20 -4.55 14.75 -5.02
CA PRO B 20 -3.51 15.06 -6.01
C PRO B 20 -2.81 13.79 -6.53
N MET B 21 -2.48 13.79 -7.81
CA MET B 21 -1.89 12.61 -8.43
C MET B 21 -0.65 12.09 -7.71
N ASN B 22 0.17 13.01 -7.23
CA ASN B 22 1.43 12.64 -6.60
C ASN B 22 1.32 12.15 -5.16
N LEU B 23 0.09 12.00 -4.68
CA LEU B 23 -0.15 11.37 -3.37
C LEU B 23 -0.75 9.98 -3.55
N MET B 24 -1.00 9.60 -4.81
CA MET B 24 -1.56 8.29 -5.10
C MET B 24 -0.47 7.30 -5.49
N SER B 25 -0.78 6.01 -5.31
CA SER B 25 0.16 4.95 -5.63
C SER B 25 0.02 4.43 -7.06
N ASN B 26 1.14 4.02 -7.64
CA ASN B 26 1.14 3.19 -8.82
C ASN B 26 0.29 1.95 -8.51
N SER B 27 -0.32 1.36 -9.53
CA SER B 27 -1.10 0.14 -9.31
C SER B 27 -0.31 -1.15 -9.56
N ARG B 28 0.93 -1.04 -10.05
CA ARG B 28 1.75 -2.22 -10.33
C ARG B 28 2.89 -2.42 -9.32
N VAL B 29 3.27 -1.34 -8.64
CA VAL B 29 4.21 -1.39 -7.53
C VAL B 29 3.71 -0.42 -6.48
N PRO B 30 3.99 -0.70 -5.19
CA PRO B 30 3.52 0.22 -4.14
C PRO B 30 4.49 1.39 -4.01
N MET B 31 4.31 2.36 -4.89
CA MET B 31 5.20 3.51 -5.00
C MET B 31 4.36 4.70 -5.45
N LEU B 32 4.61 5.88 -4.89
CA LEU B 32 3.90 7.06 -5.31
C LEU B 32 4.09 7.32 -6.81
N ILE B 33 3.05 7.87 -7.43
CA ILE B 33 3.16 8.30 -8.81
C ILE B 33 4.01 9.56 -8.89
N ASP B 34 4.97 9.58 -9.81
CA ASP B 34 5.81 10.77 -9.96
C ASP B 34 5.85 11.29 -11.40
N GLY B 35 4.90 10.84 -12.21
CA GLY B 35 4.80 11.35 -13.57
C GLY B 35 3.68 10.72 -14.38
N MET B 36 3.44 11.30 -15.55
CA MET B 36 2.59 10.71 -16.58
C MET B 36 3.43 10.62 -17.85
N MET B 37 3.08 9.69 -18.73
CA MET B 37 3.76 9.56 -20.01
C MET B 37 2.83 8.93 -21.03
N VAL B 38 3.18 9.08 -22.31
CA VAL B 38 2.58 8.26 -23.36
C VAL B 38 3.68 7.33 -23.87
N SER B 39 3.30 6.19 -24.44
CA SER B 39 4.29 5.22 -24.86
C SER B 39 5.06 5.68 -26.09
N ASN B 40 6.33 5.27 -26.17
CA ASN B 40 7.20 5.60 -27.29
C ASN B 40 6.51 5.27 -28.59
N ASP B 41 6.03 4.03 -28.68
CA ASP B 41 5.20 3.57 -29.78
C ASP B 41 3.76 3.75 -29.33
N GLN B 42 3.02 4.69 -29.92
CA GLN B 42 1.66 4.95 -29.45
C GLN B 42 0.66 3.86 -29.83
N ASN B 43 1.14 2.84 -30.54
CA ASN B 43 0.33 1.65 -30.80
C ASN B 43 0.63 0.45 -29.88
N GLN B 44 1.52 0.65 -28.91
CA GLN B 44 1.80 -0.38 -27.91
C GLN B 44 0.54 -0.75 -27.14
N VAL B 45 0.29 -2.04 -27.00
CA VAL B 45 -0.90 -2.54 -26.31
C VAL B 45 -0.54 -2.95 -24.89
N PRO B 46 -1.05 -2.23 -23.89
CA PRO B 46 -0.83 -2.66 -22.51
C PRO B 46 -1.85 -3.74 -22.15
N GLN B 47 -1.43 -4.70 -21.34
CA GLN B 47 -2.36 -5.69 -20.80
C GLN B 47 -1.95 -6.00 -19.36
N PHE B 48 -1.77 -4.95 -18.59
CA PHE B 48 -1.40 -5.09 -17.19
C PHE B 48 -2.50 -5.88 -16.48
N GLN B 49 -2.14 -6.60 -15.43
CA GLN B 49 -3.11 -7.40 -14.69
C GLN B 49 -3.47 -6.76 -13.34
N ASN B 50 -2.61 -5.85 -12.89
CA ASN B 50 -2.93 -5.02 -11.73
C ASN B 50 -3.40 -3.63 -12.16
N GLY B 51 -4.15 -2.96 -11.29
CA GLY B 51 -4.73 -1.67 -11.62
C GLY B 51 -5.83 -1.75 -12.68
N ARG B 52 -6.49 -2.90 -12.79
CA ARG B 52 -7.53 -3.08 -13.79
C ARG B 52 -8.91 -3.15 -13.14
N VAL B 53 -9.77 -2.22 -13.54
CA VAL B 53 -11.10 -2.11 -12.97
C VAL B 53 -11.95 -1.34 -13.97
N THR B 54 -13.24 -1.64 -14.04
CA THR B 54 -14.12 -0.86 -14.90
C THR B 54 -14.55 0.39 -14.14
N LEU B 55 -15.09 1.37 -14.86
CA LEU B 55 -15.53 2.59 -14.22
C LEU B 55 -16.66 2.37 -13.23
N ASP B 56 -17.42 1.28 -13.40
CA ASP B 56 -18.46 0.96 -12.43
C ASP B 56 -18.02 -0.01 -11.33
N GLY B 57 -16.70 -0.18 -11.20
CA GLY B 57 -16.14 -0.83 -10.03
C GLY B 57 -15.97 -2.34 -10.06
N GLN B 58 -15.88 -2.91 -11.26
CA GLN B 58 -15.65 -4.35 -11.38
C GLN B 58 -14.17 -4.63 -11.56
N LEU B 59 -13.58 -5.33 -10.60
CA LEU B 59 -12.15 -5.67 -10.64
C LEU B 59 -11.83 -6.70 -11.71
N GLN B 60 -10.65 -6.57 -12.32
CA GLN B 60 -10.18 -7.53 -13.32
C GLN B 60 -8.75 -7.96 -13.04
N GLY B 61 -8.34 -9.06 -13.67
CA GLY B 61 -6.99 -9.56 -13.51
C GLY B 61 -6.68 -9.94 -12.08
N THR B 62 -5.53 -9.49 -11.59
CA THR B 62 -5.13 -9.77 -10.21
C THR B 62 -5.33 -8.55 -9.32
N THR B 63 -6.11 -7.59 -9.80
CA THR B 63 -6.28 -6.32 -9.12
C THR B 63 -7.01 -6.47 -7.79
N THR B 64 -6.48 -5.79 -6.77
CA THR B 64 -7.05 -5.75 -5.42
C THR B 64 -7.58 -4.36 -5.13
N VAL B 65 -8.31 -4.25 -4.03
CA VAL B 65 -8.74 -2.94 -3.55
C VAL B 65 -7.57 -2.15 -2.95
N SER B 66 -6.79 -2.79 -2.09
CA SER B 66 -5.76 -2.08 -1.33
C SER B 66 -4.37 -2.07 -1.97
N ALA B 67 -3.71 -0.93 -1.87
CA ALA B 67 -2.31 -0.82 -2.30
C ALA B 67 -1.40 -1.73 -1.47
N ALA B 68 -1.87 -2.17 -0.30
CA ALA B 68 -1.06 -3.04 0.55
C ALA B 68 -0.83 -4.41 -0.09
N CYS B 69 -1.58 -4.73 -1.13
CA CYS B 69 -1.46 -6.04 -1.76
C CYS B 69 -0.59 -6.04 -3.00
N ILE B 70 -0.24 -4.86 -3.51
CA ILE B 70 0.40 -4.78 -4.82
C ILE B 70 1.77 -5.45 -4.86
N ALA B 71 1.95 -6.35 -5.83
CA ALA B 71 3.23 -7.01 -6.10
C ALA B 71 3.73 -7.87 -4.93
N ARG B 72 2.80 -8.56 -4.29
CA ARG B 72 3.12 -9.45 -3.19
C ARG B 72 2.65 -10.87 -3.50
N MET B 73 3.21 -11.84 -2.77
CA MET B 73 2.79 -13.23 -2.90
C MET B 73 2.70 -13.82 -1.51
N ARG B 74 2.03 -14.96 -1.40
CA ARG B 74 1.99 -15.71 -0.15
C ARG B 74 1.93 -17.19 -0.46
N GLY B 75 2.57 -18.00 0.38
CA GLY B 75 2.42 -19.43 0.23
C GLY B 75 3.40 -20.21 1.10
N ARG B 76 3.42 -21.52 0.92
CA ARG B 76 4.27 -22.38 1.71
C ARG B 76 5.43 -22.86 0.84
N ILE B 77 6.64 -22.68 1.34
CA ILE B 77 7.83 -23.08 0.59
C ILE B 77 8.00 -24.59 0.63
N PHE B 78 8.34 -25.16 -0.53
CA PHE B 78 8.58 -26.59 -0.60
C PHE B 78 9.91 -26.90 -1.26
N ASN B 79 10.38 -28.11 -1.06
CA ASN B 79 11.59 -28.62 -1.69
C ASN B 79 11.32 -30.01 -2.22
N ASN B 80 11.15 -30.13 -3.53
CA ASN B 80 10.99 -31.43 -4.17
C ASN B 80 12.25 -31.85 -4.90
N ASN B 81 13.03 -32.72 -4.26
CA ASN B 81 14.23 -33.27 -4.88
C ASN B 81 15.22 -32.19 -5.33
N GLY B 82 15.37 -31.14 -4.53
CA GLY B 82 16.29 -30.07 -4.86
C GLY B 82 15.68 -28.95 -5.69
N ASN B 83 14.41 -29.12 -6.08
CA ASN B 83 13.68 -28.05 -6.74
C ASN B 83 12.82 -27.33 -5.71
N TYR B 84 13.12 -26.06 -5.47
CA TYR B 84 12.39 -25.28 -4.48
C TYR B 84 11.27 -24.50 -5.15
N GLY B 85 10.23 -24.22 -4.38
CA GLY B 85 9.09 -23.49 -4.93
C GLY B 85 8.17 -23.02 -3.83
N VAL B 86 7.10 -22.33 -4.23
CA VAL B 86 6.06 -21.92 -3.30
C VAL B 86 4.72 -22.46 -3.79
N ASN B 87 3.98 -23.09 -2.88
CA ASN B 87 2.60 -23.43 -3.13
C ASN B 87 1.78 -22.22 -2.70
N LEU B 88 1.21 -21.53 -3.68
CA LEU B 88 0.62 -20.22 -3.46
C LEU B 88 -0.75 -20.24 -2.77
N ALA B 89 -1.02 -19.16 -2.05
CA ALA B 89 -2.34 -18.89 -1.47
C ALA B 89 -2.66 -17.42 -1.73
N GLU B 90 -3.89 -17.01 -1.41
CA GLU B 90 -4.21 -15.58 -1.41
C GLU B 90 -3.44 -14.93 -0.26
N LEU B 91 -3.30 -13.60 -0.31
CA LEU B 91 -2.47 -12.90 0.67
C LEU B 91 -3.00 -12.97 2.10
N ASP B 92 -4.29 -13.26 2.26
CA ASP B 92 -4.85 -13.43 3.60
C ASP B 92 -4.67 -14.86 4.12
N GLY B 93 -4.10 -15.73 3.30
CA GLY B 93 -3.81 -17.09 3.71
C GLY B 93 -4.85 -18.12 3.27
N ASN B 94 -5.97 -17.64 2.75
CA ASN B 94 -6.99 -18.54 2.23
C ASN B 94 -6.57 -19.10 0.89
N PRO B 95 -7.15 -20.23 0.50
CA PRO B 95 -6.71 -20.91 -0.74
C PRO B 95 -6.94 -20.07 -1.99
N TYR B 96 -6.03 -20.18 -2.93
CA TYR B 96 -6.23 -19.62 -4.26
C TYR B 96 -6.97 -20.64 -5.12
N HIS B 97 -8.18 -20.29 -5.54
CA HIS B 97 -9.05 -21.21 -6.25
C HIS B 97 -9.08 -20.99 -7.76
N ALA B 98 -8.48 -19.90 -8.22
CA ALA B 98 -8.42 -19.58 -9.64
C ALA B 98 -9.80 -19.36 -10.30
N PHE B 99 -10.78 -18.96 -9.51
CA PHE B 99 -12.11 -18.70 -10.04
C PHE B 99 -12.17 -17.40 -10.83
N ASP B 100 -11.43 -16.40 -10.35
CA ASP B 100 -11.63 -15.03 -10.78
C ASP B 100 -10.38 -14.36 -11.34
N SER B 101 -9.22 -14.95 -11.09
CA SER B 101 -7.98 -14.26 -11.45
C SER B 101 -6.92 -15.24 -11.98
N PRO B 102 -5.99 -14.73 -12.80
CA PRO B 102 -4.95 -15.54 -13.44
C PRO B 102 -3.83 -15.95 -12.47
N ALA B 103 -3.83 -15.33 -11.30
CA ALA B 103 -2.93 -15.68 -10.20
C ALA B 103 -3.59 -15.13 -8.93
N PRO B 104 -3.01 -15.41 -7.76
CA PRO B 104 -3.61 -14.82 -6.55
C PRO B 104 -3.66 -13.30 -6.66
N LEU B 105 -4.63 -12.67 -6.02
CA LEU B 105 -4.74 -11.22 -6.10
C LEU B 105 -3.44 -10.55 -5.62
N GLY B 106 -3.04 -9.49 -6.30
CA GLY B 106 -1.84 -8.74 -5.95
C GLY B 106 -0.55 -9.25 -6.58
N PHE B 107 -0.60 -10.46 -7.14
CA PHE B 107 0.59 -11.06 -7.73
C PHE B 107 1.28 -10.09 -8.70
N PRO B 108 2.62 -9.99 -8.65
CA PRO B 108 3.32 -9.13 -9.60
C PRO B 108 2.96 -9.44 -11.06
N ASP B 109 2.80 -8.41 -11.89
CA ASP B 109 2.47 -8.63 -13.30
C ASP B 109 3.61 -8.23 -14.22
N PHE B 110 4.83 -8.46 -13.73
CA PHE B 110 6.03 -8.26 -14.54
C PHE B 110 6.46 -9.59 -15.14
N GLY B 111 6.47 -9.66 -16.47
CA GLY B 111 6.73 -10.91 -17.16
C GLY B 111 8.11 -11.05 -17.77
N ASN B 112 8.58 -12.29 -17.85
CA ASN B 112 9.84 -12.62 -18.52
C ASN B 112 11.05 -11.92 -17.91
N CYS B 113 11.08 -11.86 -16.58
CA CYS B 113 12.17 -11.19 -15.88
C CYS B 113 12.45 -11.87 -14.55
N ASP B 114 13.46 -11.34 -13.85
CA ASP B 114 13.86 -11.91 -12.56
C ASP B 114 13.27 -11.05 -11.44
N LEU B 115 12.38 -11.64 -10.66
CA LEU B 115 11.77 -10.94 -9.54
C LEU B 115 12.58 -11.19 -8.28
N HIS B 116 13.15 -10.13 -7.72
CA HIS B 116 13.94 -10.27 -6.50
C HIS B 116 13.06 -9.97 -5.30
N MET B 117 12.69 -11.02 -4.58
CA MET B 117 11.70 -10.94 -3.50
C MET B 117 12.36 -10.91 -2.14
N THR B 118 11.76 -10.15 -1.23
CA THR B 118 12.07 -10.23 0.19
C THR B 118 10.88 -10.94 0.84
N PHE B 119 11.12 -11.77 1.84
CA PHE B 119 10.01 -12.48 2.46
C PHE B 119 10.16 -12.66 3.97
N VAL B 120 9.04 -12.91 4.63
CA VAL B 120 9.05 -13.20 6.05
C VAL B 120 8.10 -14.35 6.35
N LYS B 121 8.45 -15.17 7.34
CA LYS B 121 7.49 -16.14 7.85
C LYS B 121 6.28 -15.40 8.39
N ILE B 122 5.09 -15.97 8.23
CA ILE B 122 3.88 -15.24 8.57
C ILE B 122 2.97 -15.95 9.58
N ASN B 123 3.31 -17.20 9.92
CA ASN B 123 2.61 -17.91 10.99
C ASN B 123 2.99 -17.33 12.36
N PRO B 124 2.01 -16.88 13.13
CA PRO B 124 2.36 -16.32 14.45
C PRO B 124 3.24 -17.25 15.28
N THR B 125 3.09 -18.56 15.15
CA THR B 125 3.91 -19.48 15.95
C THR B 125 5.38 -19.45 15.55
N GLU B 126 5.65 -18.91 14.36
CA GLU B 126 7.02 -18.79 13.85
C GLU B 126 7.56 -17.39 14.09
N LEU B 127 6.80 -16.57 14.82
CA LEU B 127 7.15 -15.16 15.03
C LEU B 127 7.30 -14.82 16.51
N SER B 128 7.76 -15.79 17.29
CA SER B 128 7.96 -15.57 18.72
C SER B 128 9.39 -15.08 19.03
N THR B 129 10.36 -15.59 18.29
CA THR B 129 11.77 -15.24 18.46
C THR B 129 12.47 -15.40 17.13
N GLY B 130 13.67 -14.86 17.03
CA GLY B 130 14.51 -15.05 15.86
C GLY B 130 14.17 -14.18 14.66
N ASP B 131 14.99 -14.30 13.63
CA ASP B 131 14.85 -13.53 12.40
C ASP B 131 13.99 -14.34 11.42
N PRO B 132 12.81 -13.82 11.08
CA PRO B 132 11.86 -14.55 10.23
C PRO B 132 12.09 -14.28 8.74
N SER B 133 13.10 -13.50 8.41
CA SER B 133 13.21 -12.96 7.06
C SER B 133 14.21 -13.69 6.16
N GLY B 134 13.96 -13.59 4.85
CA GLY B 134 14.89 -14.07 3.86
C GLY B 134 14.68 -13.33 2.55
N LYS B 135 15.33 -13.79 1.50
CA LYS B 135 15.16 -13.23 0.16
C LYS B 135 15.32 -14.36 -0.85
N VAL B 136 14.78 -14.17 -2.04
CA VAL B 136 14.83 -15.21 -3.06
C VAL B 136 14.51 -14.61 -4.42
N VAL B 137 15.05 -15.21 -5.48
CA VAL B 137 14.71 -14.81 -6.84
C VAL B 137 13.66 -15.74 -7.44
N ILE B 138 12.68 -15.14 -8.11
CA ILE B 138 11.67 -15.92 -8.82
C ILE B 138 11.65 -15.49 -10.28
N HIS B 139 11.85 -16.45 -11.19
CA HIS B 139 11.74 -16.17 -12.63
C HIS B 139 10.27 -16.13 -13.05
N SER B 140 9.85 -15.04 -13.68
CA SER B 140 8.50 -15.00 -14.24
C SER B 140 8.51 -15.54 -15.68
N TYR B 141 9.08 -16.73 -15.82
CA TYR B 141 9.17 -17.41 -17.11
C TYR B 141 9.48 -18.89 -16.90
N ASP B 142 9.38 -19.66 -17.98
CA ASP B 142 9.46 -21.12 -17.96
C ASP B 142 8.18 -21.77 -17.42
N ALA B 143 7.97 -23.04 -17.74
CA ALA B 143 6.77 -23.76 -17.32
C ALA B 143 6.67 -23.88 -15.81
N THR B 144 7.81 -23.78 -15.11
CA THR B 144 7.85 -23.85 -13.66
C THR B 144 7.33 -22.58 -12.98
N PHE B 145 7.14 -21.54 -13.77
CA PHE B 145 6.42 -20.36 -13.30
C PHE B 145 4.97 -20.54 -13.73
N ALA B 146 4.15 -21.03 -12.80
CA ALA B 146 2.77 -21.39 -13.13
C ALA B 146 1.83 -20.96 -12.02
N PRO B 147 1.80 -19.65 -11.71
CA PRO B 147 0.98 -19.17 -10.59
C PRO B 147 -0.51 -19.45 -10.80
N HIS B 148 -0.96 -19.53 -12.06
CA HIS B 148 -2.35 -19.88 -12.33
C HIS B 148 -2.68 -21.29 -11.79
N LEU B 149 -1.68 -22.17 -11.79
CA LEU B 149 -1.82 -23.52 -11.28
C LEU B 149 -1.34 -23.60 -9.82
N GLY B 150 -1.05 -22.45 -9.25
CA GLY B 150 -0.74 -22.36 -7.82
C GLY B 150 0.70 -22.60 -7.40
N THR B 151 1.62 -22.65 -8.36
CA THR B 151 3.03 -22.91 -8.00
C THR B 151 4.00 -22.05 -8.80
N VAL B 152 5.08 -21.63 -8.12
CA VAL B 152 6.19 -20.98 -8.80
C VAL B 152 7.51 -21.56 -8.27
N LYS B 153 8.49 -21.67 -9.16
CA LYS B 153 9.82 -22.11 -8.77
C LYS B 153 10.61 -20.98 -8.12
N LEU B 154 11.32 -21.31 -7.04
CA LEU B 154 12.28 -20.40 -6.41
C LEU B 154 13.67 -20.77 -6.85
N GLU B 155 14.50 -19.78 -7.17
CA GLU B 155 15.89 -20.06 -7.46
C GLU B 155 16.62 -20.41 -6.17
N ASP B 156 17.36 -21.51 -6.17
CA ASP B 156 18.03 -21.92 -4.95
C ASP B 156 19.23 -21.02 -4.67
N ASN B 157 19.15 -20.27 -3.56
CA ASN B 157 20.23 -19.38 -3.14
C ASN B 157 20.97 -19.92 -1.93
N ASN B 158 20.74 -21.20 -1.63
CA ASN B 158 21.43 -21.88 -0.53
C ASN B 158 20.95 -21.43 0.84
N GLU B 159 19.89 -20.63 0.88
CA GLU B 159 19.39 -20.08 2.13
C GLU B 159 17.88 -20.30 2.29
N LEU B 160 17.37 -21.36 1.69
CA LEU B 160 15.92 -21.60 1.71
C LEU B 160 15.52 -22.74 2.64
N ASP B 161 16.48 -23.57 3.03
CA ASP B 161 16.13 -24.80 3.73
C ASP B 161 15.41 -24.59 5.06
N GLN B 162 15.79 -23.56 5.81
CA GLN B 162 15.13 -23.28 7.09
C GLN B 162 13.66 -22.91 6.89
N PHE B 163 13.28 -22.61 5.65
CA PHE B 163 11.91 -22.16 5.37
C PHE B 163 11.04 -23.25 4.73
N VAL B 164 11.62 -24.38 4.41
CA VAL B 164 10.85 -25.44 3.78
C VAL B 164 9.76 -25.92 4.73
N GLY B 165 8.53 -25.97 4.21
CA GLY B 165 7.37 -26.31 5.03
C GLY B 165 6.76 -25.13 5.77
N LYS B 166 7.36 -23.94 5.64
CA LYS B 166 6.86 -22.75 6.35
C LYS B 166 6.08 -21.83 5.44
N GLU B 167 5.05 -21.19 5.98
CA GLU B 167 4.30 -20.20 5.21
C GLU B 167 4.96 -18.84 5.29
N VAL B 168 5.11 -18.18 4.14
CA VAL B 168 5.76 -16.88 4.07
C VAL B 168 4.92 -15.92 3.26
N VAL B 169 5.12 -14.63 3.49
CA VAL B 169 4.63 -13.62 2.56
C VAL B 169 5.84 -12.98 1.89
N LEU B 170 5.74 -12.77 0.59
CA LEU B 170 6.83 -12.26 -0.23
C LEU B 170 6.44 -10.91 -0.78
N GLU B 171 7.41 -10.02 -0.93
CA GLU B 171 7.17 -8.74 -1.60
C GLU B 171 8.28 -8.45 -2.60
N LEU B 172 7.93 -7.74 -3.66
CA LEU B 172 8.87 -7.43 -4.72
C LEU B 172 9.82 -6.31 -4.30
N THR B 173 11.11 -6.61 -4.20
CA THR B 173 12.09 -5.60 -3.78
C THR B 173 12.69 -4.91 -5.00
N TRP B 174 13.10 -5.71 -5.97
CA TRP B 174 13.60 -5.14 -7.23
C TRP B 174 13.48 -6.15 -8.34
N VAL B 175 13.72 -5.68 -9.57
CA VAL B 175 13.54 -6.50 -10.76
C VAL B 175 14.74 -6.34 -11.68
N SER B 176 15.18 -7.43 -12.30
CA SER B 176 16.23 -7.34 -13.31
C SER B 176 15.82 -8.11 -14.56
N ASN B 177 16.54 -7.89 -15.65
CA ASN B 177 16.23 -8.60 -16.89
C ASN B 177 16.65 -10.06 -16.82
N ARG B 178 15.91 -10.89 -17.53
CA ARG B 178 16.30 -12.27 -17.78
C ARG B 178 17.54 -12.28 -18.68
N THR B 179 18.50 -13.15 -18.39
CA THR B 179 19.68 -13.25 -19.24
C THR B 179 19.22 -13.44 -20.70
N GLY B 180 19.79 -12.65 -21.60
CA GLY B 180 19.45 -12.76 -23.02
C GLY B 180 18.28 -11.91 -23.49
N ALA B 181 17.63 -11.22 -22.56
CA ALA B 181 16.47 -10.41 -22.90
C ALA B 181 16.56 -9.02 -22.30
N THR B 182 15.81 -8.07 -22.86
CA THR B 182 15.70 -6.77 -22.22
C THR B 182 14.58 -6.84 -21.18
N LEU B 183 14.59 -5.88 -20.26
CA LEU B 183 13.51 -5.79 -19.28
C LEU B 183 12.35 -5.01 -19.89
N ASN B 184 11.31 -5.75 -20.28
CA ASN B 184 10.16 -5.19 -20.99
C ASN B 184 8.97 -5.11 -20.05
N LEU B 185 8.64 -3.89 -19.63
CA LEU B 185 7.60 -3.71 -18.63
C LEU B 185 6.19 -3.78 -19.23
N TRP B 186 6.11 -4.03 -20.54
CA TRP B 186 4.83 -4.28 -21.20
C TRP B 186 4.54 -5.76 -21.35
N ALA B 187 5.52 -6.60 -21.03
CA ALA B 187 5.35 -8.04 -21.16
C ALA B 187 4.28 -8.55 -20.19
N VAL B 188 3.39 -9.40 -20.70
CA VAL B 188 2.41 -10.07 -19.85
C VAL B 188 2.99 -11.40 -19.39
N PRO B 189 3.02 -11.65 -18.08
CA PRO B 189 3.52 -12.97 -17.66
C PRO B 189 2.72 -14.10 -18.27
N ASN B 190 3.36 -15.23 -18.55
CA ASN B 190 2.64 -16.46 -18.85
C ASN B 190 2.29 -17.15 -17.53
N TYR B 191 1.10 -16.86 -17.02
CA TYR B 191 0.70 -17.34 -15.71
C TYR B 191 0.42 -18.84 -15.70
N GLY B 192 0.24 -19.40 -16.89
CA GLY B 192 -0.02 -20.83 -17.02
C GLY B 192 -1.45 -21.09 -17.43
N SER B 193 -1.67 -22.20 -18.13
CA SER B 193 -3.03 -22.58 -18.53
C SER B 193 -3.41 -23.86 -17.82
N ASN B 194 -4.70 -24.01 -17.54
CA ASN B 194 -5.17 -25.21 -16.86
C ASN B 194 -6.28 -25.87 -17.66
N LEU B 195 -5.89 -26.73 -18.60
CA LEU B 195 -6.84 -27.43 -19.47
C LEU B 195 -7.89 -26.49 -20.07
N THR B 196 -9.18 -26.68 -19.74
CA THR B 196 -10.23 -25.84 -20.35
C THR B 196 -10.55 -24.57 -19.55
N GLN B 197 -9.93 -24.39 -18.40
CA GLN B 197 -10.29 -23.26 -17.55
C GLN B 197 -9.92 -21.93 -18.20
N ALA B 198 -10.78 -20.94 -18.03
CA ALA B 198 -10.52 -19.61 -18.56
C ALA B 198 -9.24 -19.00 -17.98
N SER B 199 -8.54 -18.19 -18.76
CA SER B 199 -7.29 -17.58 -18.33
C SER B 199 -7.51 -16.60 -17.19
N GLN B 200 -8.67 -15.94 -17.23
CA GLN B 200 -9.02 -14.89 -16.27
C GLN B 200 -8.24 -13.59 -16.47
N LEU B 201 -7.52 -13.47 -17.57
CA LEU B 201 -6.72 -12.26 -17.80
C LEU B 201 -7.58 -11.03 -18.03
N ALA B 202 -7.19 -9.92 -17.41
CA ALA B 202 -7.74 -8.62 -17.80
C ALA B 202 -7.40 -8.43 -19.27
N PRO B 203 -8.34 -7.87 -20.05
CA PRO B 203 -8.13 -7.82 -21.50
C PRO B 203 -7.06 -6.81 -21.95
N PRO B 204 -6.53 -6.99 -23.15
CA PRO B 204 -5.63 -5.98 -23.71
C PRO B 204 -6.40 -4.68 -23.92
N ILE B 205 -5.71 -3.55 -23.85
CA ILE B 205 -6.31 -2.27 -24.19
C ILE B 205 -5.69 -1.81 -25.49
N TYR B 206 -6.48 -1.77 -26.56
CA TYR B 206 -5.97 -1.35 -27.85
C TYR B 206 -5.98 0.17 -27.96
N PRO B 207 -4.88 0.73 -28.46
CA PRO B 207 -4.75 2.18 -28.64
C PRO B 207 -5.93 2.74 -29.42
N PRO B 208 -6.44 3.89 -28.96
CA PRO B 208 -7.60 4.56 -29.55
C PRO B 208 -7.29 5.10 -30.94
N GLY B 209 -6.06 5.57 -31.15
CA GLY B 209 -5.70 6.18 -32.41
C GLY B 209 -6.42 7.50 -32.64
N PHE B 210 -6.37 7.99 -33.87
CA PHE B 210 -7.00 9.26 -34.23
C PHE B 210 -6.58 10.41 -33.32
N GLY B 211 -5.29 10.44 -32.99
CA GLY B 211 -4.72 11.53 -32.23
C GLY B 211 -4.66 11.27 -30.74
N GLU B 212 -5.46 10.33 -30.26
CA GLU B 212 -5.44 9.99 -28.84
C GLU B 212 -4.31 9.01 -28.53
N ALA B 213 -3.85 9.06 -27.28
CA ALA B 213 -2.83 8.14 -26.79
C ALA B 213 -3.18 7.76 -25.36
N ILE B 214 -2.94 6.51 -25.01
CA ILE B 214 -3.15 6.04 -23.66
C ILE B 214 -2.20 6.77 -22.72
N VAL B 215 -2.73 7.20 -21.57
CA VAL B 215 -1.91 7.83 -20.55
C VAL B 215 -1.41 6.80 -19.55
N TYR B 216 -0.11 6.81 -19.29
CA TYR B 216 0.45 5.93 -18.28
C TYR B 216 0.91 6.74 -17.08
N PHE B 217 0.59 6.25 -15.89
CA PHE B 217 1.06 6.84 -14.67
C PHE B 217 2.34 6.13 -14.27
N THR B 218 3.38 6.88 -13.97
CA THR B 218 4.69 6.28 -13.75
C THR B 218 5.20 6.48 -12.34
N SER B 219 6.05 5.55 -11.91
CA SER B 219 6.77 5.66 -10.65
C SER B 219 8.22 5.25 -10.88
N THR B 220 9.13 5.99 -10.27
CA THR B 220 10.52 5.54 -10.24
C THR B 220 10.62 4.36 -9.28
N PHE B 221 11.26 3.29 -9.74
CA PHE B 221 11.28 2.02 -9.03
C PHE B 221 12.47 1.21 -9.54
N PRO B 222 13.06 0.35 -8.69
CA PRO B 222 14.24 -0.40 -9.13
C PRO B 222 13.94 -1.57 -10.07
N THR B 223 13.28 -1.26 -11.18
CA THR B 223 13.29 -2.13 -12.35
C THR B 223 14.59 -1.79 -13.06
N VAL B 224 15.65 -2.50 -12.72
CA VAL B 224 17.00 -2.13 -13.13
C VAL B 224 17.16 -2.25 -14.65
N SER B 225 17.70 -1.18 -15.25
CA SER B 225 17.86 -1.02 -16.69
C SER B 225 16.65 -0.35 -17.32
N ASN B 226 15.61 -0.15 -16.52
CA ASN B 226 14.39 0.51 -16.97
C ASN B 226 13.55 0.99 -15.77
N PRO B 227 14.13 1.91 -14.97
CA PRO B 227 13.60 2.23 -13.63
C PRO B 227 12.39 3.16 -13.63
N LYS B 228 11.45 2.94 -14.53
CA LYS B 228 10.23 3.73 -14.58
C LYS B 228 9.05 2.80 -14.89
N VAL B 229 8.22 2.55 -13.88
CA VAL B 229 7.13 1.58 -14.02
C VAL B 229 5.84 2.27 -14.45
N PRO B 230 5.31 1.89 -15.62
CA PRO B 230 4.05 2.47 -16.12
C PRO B 230 2.85 1.66 -15.68
N CYS B 231 1.74 2.33 -15.39
CA CYS B 231 0.48 1.65 -15.10
C CYS B 231 -0.66 2.42 -15.72
N THR B 232 -1.83 1.81 -15.84
CA THR B 232 -2.93 2.48 -16.55
C THR B 232 -3.93 3.19 -15.63
N LEU B 233 -3.84 2.95 -14.32
CA LEU B 233 -4.66 3.68 -13.33
C LEU B 233 -3.95 3.76 -12.00
N PRO B 234 -4.06 4.91 -11.32
CA PRO B 234 -3.55 4.98 -9.94
C PRO B 234 -4.36 4.03 -9.08
N GLN B 235 -3.73 3.44 -8.07
CA GLN B 235 -4.40 2.46 -7.23
C GLN B 235 -5.63 3.05 -6.56
N GLU B 236 -5.54 4.31 -6.11
CA GLU B 236 -6.66 4.90 -5.39
C GLU B 236 -7.88 5.15 -6.29
N PHE B 237 -7.67 5.21 -7.61
CA PHE B 237 -8.80 5.23 -8.54
C PHE B 237 -9.53 3.90 -8.46
N VAL B 238 -8.77 2.80 -8.35
CA VAL B 238 -9.37 1.47 -8.29
C VAL B 238 -10.28 1.33 -7.08
N SER B 239 -9.77 1.66 -5.90
CA SER B 239 -10.59 1.53 -4.70
C SER B 239 -11.76 2.51 -4.72
N HIS B 240 -11.55 3.69 -5.28
CA HIS B 240 -12.64 4.66 -5.44
C HIS B 240 -13.78 4.07 -6.26
N PHE B 241 -13.47 3.49 -7.42
CA PHE B 241 -14.52 2.93 -8.27
C PHE B 241 -15.20 1.72 -7.63
N VAL B 242 -14.42 0.87 -6.97
CA VAL B 242 -15.00 -0.26 -6.25
C VAL B 242 -15.96 0.24 -5.17
N ASN B 243 -15.57 1.30 -4.48
CA ASN B 243 -16.41 1.84 -3.42
C ASN B 243 -17.71 2.46 -3.95
N GLU B 244 -17.61 3.20 -5.05
CA GLU B 244 -18.75 3.94 -5.55
C GLU B 244 -19.74 3.07 -6.32
N GLN B 245 -19.24 2.16 -7.14
CA GLN B 245 -20.10 1.35 -7.99
C GLN B 245 -21.07 2.24 -8.77
N ALA B 246 -20.57 3.36 -9.25
CA ALA B 246 -21.42 4.31 -9.99
C ALA B 246 -21.74 3.77 -11.38
N PRO B 247 -23.04 3.73 -11.73
CA PRO B 247 -23.42 3.29 -13.07
C PRO B 247 -22.70 4.10 -14.15
N THR B 248 -22.21 3.42 -15.17
CA THR B 248 -21.54 4.09 -16.29
C THR B 248 -22.60 4.61 -17.27
N ARG B 249 -22.79 5.92 -17.31
CA ARG B 249 -23.91 6.52 -18.04
C ARG B 249 -23.52 7.10 -19.40
N GLY B 250 -22.26 6.93 -19.78
CA GLY B 250 -21.79 7.39 -21.08
C GLY B 250 -20.73 6.47 -21.62
N ASP B 251 -20.31 6.68 -22.86
CA ASP B 251 -19.28 5.83 -23.44
C ASP B 251 -17.88 6.30 -23.06
N ALA B 252 -17.79 7.48 -22.46
CA ALA B 252 -16.51 7.99 -21.94
C ALA B 252 -16.74 9.10 -20.91
N ALA B 253 -15.78 9.26 -20.02
CA ALA B 253 -15.85 10.30 -19.00
C ALA B 253 -14.81 11.39 -19.26
N LEU B 254 -15.27 12.63 -19.41
CA LEU B 254 -14.38 13.76 -19.60
C LEU B 254 -13.84 14.22 -18.25
N LEU B 255 -12.52 14.26 -18.12
CA LEU B 255 -11.88 14.76 -16.89
C LEU B 255 -11.06 15.99 -17.19
N HIS B 256 -10.98 16.88 -16.20
CA HIS B 256 -9.99 17.94 -16.22
C HIS B 256 -8.92 17.62 -15.20
N TYR B 257 -7.68 18.01 -15.50
CA TYR B 257 -6.57 17.87 -14.56
C TYR B 257 -6.26 19.27 -14.07
N VAL B 258 -6.56 19.55 -12.80
CA VAL B 258 -6.58 20.93 -12.33
C VAL B 258 -5.49 21.26 -11.31
N ASP B 259 -5.00 22.49 -11.39
CA ASP B 259 -4.03 22.97 -10.43
C ASP B 259 -4.69 23.03 -9.05
N PRO B 260 -4.03 22.50 -8.03
CA PRO B 260 -4.63 22.38 -6.69
C PRO B 260 -4.80 23.75 -6.03
N ASP B 261 -4.07 24.74 -6.52
CA ASP B 261 -4.14 26.10 -5.96
C ASP B 261 -5.03 26.99 -6.82
N THR B 262 -4.55 27.31 -8.02
CA THR B 262 -5.26 28.20 -8.93
C THR B 262 -6.59 27.60 -9.38
N HIS B 263 -6.66 26.27 -9.38
CA HIS B 263 -7.82 25.55 -9.89
C HIS B 263 -8.00 25.75 -11.40
N ARG B 264 -6.94 26.22 -12.06
CA ARG B 264 -6.91 26.29 -13.52
C ARG B 264 -6.93 24.89 -14.10
N ASN B 265 -7.68 24.69 -15.18
CA ASN B 265 -7.63 23.44 -15.92
C ASN B 265 -6.30 23.36 -16.66
N LEU B 266 -5.55 22.29 -16.40
CA LEU B 266 -4.22 22.13 -17.00
C LEU B 266 -4.25 21.21 -18.22
N GLY B 267 -5.35 20.49 -18.40
CA GLY B 267 -5.47 19.58 -19.53
C GLY B 267 -6.69 18.70 -19.44
N GLU B 268 -7.23 18.32 -20.60
CA GLU B 268 -8.39 17.45 -20.67
C GLU B 268 -7.98 16.02 -20.94
N PHE B 269 -8.72 15.08 -20.35
CA PHE B 269 -8.47 13.65 -20.51
C PHE B 269 -9.80 12.94 -20.72
N LYS B 270 -9.75 11.81 -21.41
CA LYS B 270 -10.93 10.97 -21.58
C LYS B 270 -10.69 9.65 -20.86
N MET B 271 -11.64 9.25 -20.04
CA MET B 271 -11.54 7.98 -19.35
C MET B 271 -12.58 7.06 -19.95
N TYR B 272 -12.17 5.85 -20.32
CA TYR B 272 -13.07 4.90 -20.97
C TYR B 272 -13.61 3.88 -19.96
N PRO B 273 -14.78 3.28 -20.26
CA PRO B 273 -15.42 2.36 -19.30
C PRO B 273 -14.51 1.20 -18.87
N GLU B 274 -13.58 0.81 -19.73
CA GLU B 274 -12.67 -0.29 -19.44
C GLU B 274 -11.63 0.06 -18.37
N GLY B 275 -11.58 1.32 -17.96
CA GLY B 275 -10.72 1.73 -16.87
C GLY B 275 -9.33 2.15 -17.28
N TYR B 276 -9.24 3.05 -18.26
CA TYR B 276 -7.97 3.67 -18.62
C TYR B 276 -8.27 5.06 -19.15
N MET B 277 -7.23 5.86 -19.31
CA MET B 277 -7.36 7.27 -19.66
C MET B 277 -6.58 7.57 -20.94
N THR B 278 -7.08 8.50 -21.74
CA THR B 278 -6.33 8.98 -22.91
C THR B 278 -6.22 10.49 -22.92
N CYS B 279 -5.33 10.98 -23.78
CA CYS B 279 -5.19 12.41 -24.02
C CYS B 279 -4.81 12.59 -25.47
N VAL B 280 -4.82 13.84 -25.93
CA VAL B 280 -4.28 14.18 -27.23
C VAL B 280 -3.00 15.00 -27.01
N PRO B 281 -1.84 14.35 -27.16
CA PRO B 281 -0.56 15.07 -26.95
C PRO B 281 -0.38 16.17 -27.98
N ASN B 282 0.14 17.32 -27.56
CA ASN B 282 0.38 18.42 -28.46
C ASN B 282 1.87 18.68 -28.68
N GLY B 286 3.26 16.49 -24.46
CA GLY B 286 2.32 15.53 -23.89
C GLY B 286 2.20 15.67 -22.39
N PRO B 287 1.45 14.76 -21.75
CA PRO B 287 1.19 14.86 -20.32
C PRO B 287 2.45 14.80 -19.45
N GLN B 288 3.56 14.34 -20.03
CA GLN B 288 4.83 14.26 -19.29
C GLN B 288 5.26 15.65 -18.80
N THR B 289 4.86 16.69 -19.50
CA THR B 289 5.29 18.05 -19.19
C THR B 289 4.43 18.73 -18.12
N LEU B 290 3.31 18.11 -17.77
CA LEU B 290 2.41 18.67 -16.77
C LEU B 290 2.98 18.53 -15.37
N PRO B 291 2.66 19.48 -14.48
CA PRO B 291 3.01 19.30 -13.06
C PRO B 291 2.35 18.03 -12.54
N ILE B 292 2.93 17.44 -11.50
CA ILE B 292 2.43 16.15 -11.04
C ILE B 292 1.54 16.25 -9.81
N ASN B 293 1.28 17.47 -9.36
CA ASN B 293 0.48 17.67 -8.16
C ASN B 293 -0.95 18.13 -8.44
N GLY B 294 -1.41 17.92 -9.67
CA GLY B 294 -2.77 18.30 -10.04
C GLY B 294 -3.81 17.29 -9.57
N VAL B 295 -5.07 17.67 -9.67
CA VAL B 295 -6.17 16.83 -9.25
C VAL B 295 -7.10 16.54 -10.42
N PHE B 296 -7.43 15.27 -10.64
CA PHE B 296 -8.38 14.93 -11.69
C PHE B 296 -9.80 15.20 -11.21
N VAL B 297 -10.62 15.75 -12.10
CA VAL B 297 -12.00 16.07 -11.76
C VAL B 297 -12.91 15.63 -12.90
N PHE B 298 -13.94 14.86 -12.55
CA PHE B 298 -14.96 14.46 -13.51
C PHE B 298 -15.83 15.65 -13.92
N ILE B 299 -15.88 15.92 -15.21
CA ILE B 299 -16.66 17.03 -15.76
C ILE B 299 -18.03 16.57 -16.24
N SER B 300 -18.02 15.57 -17.12
CA SER B 300 -19.25 15.09 -17.74
C SER B 300 -19.06 13.76 -18.45
N TRP B 301 -20.16 13.04 -18.63
CA TRP B 301 -20.18 11.91 -19.55
C TRP B 301 -20.22 12.47 -20.97
N VAL B 302 -19.39 11.91 -21.84
CA VAL B 302 -19.35 12.35 -23.23
C VAL B 302 -19.37 11.16 -24.17
N SER B 303 -19.48 11.43 -25.45
CA SER B 303 -19.42 10.39 -26.46
C SER B 303 -18.06 9.70 -26.49
N ARG B 304 -18.07 8.43 -26.89
CA ARG B 304 -16.84 7.70 -27.16
C ARG B 304 -15.98 8.46 -28.17
N TYR B 305 -16.64 9.32 -28.96
CA TYR B 305 -15.99 10.02 -30.05
C TYR B 305 -15.69 11.47 -29.72
N TYR B 306 -15.86 11.85 -28.45
CA TYR B 306 -15.61 13.22 -28.02
C TYR B 306 -14.21 13.65 -28.41
N GLN B 307 -14.09 14.85 -28.99
CA GLN B 307 -12.81 15.35 -29.47
C GLN B 307 -12.05 16.18 -28.43
N LEU B 308 -10.92 15.65 -27.96
CA LEU B 308 -10.05 16.38 -27.04
C LEU B 308 -9.23 17.45 -27.77
C1 NDG C . 21.34 -13.98 19.61
C2 NDG C . 20.67 -12.94 18.75
C3 NDG C . 19.40 -12.46 19.32
C4 NDG C . 18.54 -13.56 19.67
C5 NDG C . 19.26 -14.49 20.58
C6 NDG C . 18.42 -15.66 20.96
C7 NDG C . 22.44 -11.78 17.37
C8 NDG C . 23.40 -10.62 17.16
O5 NDG C . 20.47 -15.01 19.96
O3 NDG C . 18.74 -11.56 18.34
O4 NDG C . 17.31 -13.04 20.33
O6 NDG C . 18.22 -16.61 19.95
O7 NDG C . 22.38 -12.67 16.57
N2 NDG C . 21.62 -11.81 18.54
O1 NDG C . 21.84 -13.38 20.76
C1 GAL C . 18.79 -10.22 18.62
C2 GAL C . 18.22 -9.39 17.49
C3 GAL C . 18.13 -8.00 17.83
C4 GAL C . 17.41 -7.74 19.09
C5 GAL C . 18.03 -8.57 20.21
C6 GAL C . 17.29 -8.41 21.50
O2 GAL C . 19.09 -9.57 16.31
O3 GAL C . 17.52 -7.22 16.78
O4 GAL C . 16.05 -8.04 18.98
O5 GAL C . 18.08 -9.93 19.89
O6 GAL C . 17.94 -9.00 22.63
C1 FUC C . 18.39 -9.86 15.16
C2 FUC C . 19.30 -9.66 13.97
C3 FUC C . 20.43 -10.62 14.02
C4 FUC C . 20.00 -11.98 14.13
C5 FUC C . 19.05 -12.16 15.28
C6 FUC C . 18.50 -13.51 15.32
O2 FUC C . 19.77 -8.35 13.94
O3 FUC C . 21.27 -10.44 12.86
O4 FUC C . 19.35 -12.40 12.91
O5 FUC C . 17.94 -11.19 15.20
C1 FUC C . 16.13 -13.67 19.99
C2 FUC C . 15.10 -13.29 21.00
C3 FUC C . 14.82 -11.88 20.95
C4 FUC C . 14.42 -11.44 19.61
C5 FUC C . 15.44 -11.87 18.56
C6 FUC C . 14.99 -11.49 17.18
O2 FUC C . 15.57 -13.68 22.31
O3 FUC C . 13.76 -11.53 21.90
O4 FUC C . 13.14 -11.95 19.30
O5 FUC C . 15.67 -13.26 18.63
C1 NDG D . 27.27 -10.79 -13.02
C2 NDG D . 25.87 -10.80 -12.48
C3 NDG D . 24.92 -10.09 -13.35
C4 NDG D . 25.39 -8.79 -13.70
C5 NDG D . 26.78 -8.86 -14.24
C6 NDG D . 27.34 -7.51 -14.55
C7 NDG D . 25.61 -12.83 -10.99
C8 NDG D . 25.19 -14.27 -10.78
O5 NDG D . 27.70 -9.50 -13.32
O3 NDG D . 23.61 -10.00 -12.63
O4 NDG D . 24.47 -8.18 -14.70
O6 NDG D . 27.53 -6.64 -13.46
O7 NDG D . 26.10 -12.19 -10.08
N2 NDG D . 25.44 -12.22 -12.28
O1 NDG D . 27.34 -11.57 -14.18
C1 GAL D . 22.64 -10.84 -13.08
C2 GAL D . 21.42 -10.78 -12.19
C3 GAL D . 20.35 -11.60 -12.69
C4 GAL D . 20.00 -11.29 -14.11
C5 GAL D . 21.25 -11.34 -14.98
C6 GAL D . 20.97 -10.96 -16.41
O2 GAL D . 21.81 -11.25 -10.85
O3 GAL D . 19.18 -11.46 -11.88
O4 GAL D . 19.40 -10.05 -14.21
O5 GAL D . 22.27 -10.52 -14.49
O6 GAL D . 22.04 -11.21 -17.33
C1 FUC D . 21.43 -10.37 -9.84
C2 FUC D . 21.55 -11.09 -8.52
C3 FUC D . 22.97 -11.45 -8.24
C4 FUC D . 23.84 -10.31 -8.28
C5 FUC D . 23.68 -9.57 -9.57
C6 FUC D . 24.49 -8.35 -9.57
O2 FUC D . 20.77 -12.24 -8.56
O3 FUC D . 23.05 -12.12 -6.96
O4 FUC D . 23.57 -9.42 -7.17
O5 FUC D . 22.25 -9.24 -9.85
C1 FUC D . 24.22 -6.84 -14.52
C2 FUC D . 23.56 -6.32 -15.75
C3 FUC D . 22.25 -6.91 -15.89
C4 FUC D . 21.40 -6.67 -14.71
C5 FUC D . 22.07 -7.12 -13.43
C6 FUC D . 21.25 -6.72 -12.23
O2 FUC D . 24.38 -6.64 -16.90
O3 FUC D . 21.61 -6.42 -17.12
O4 FUC D . 21.07 -5.30 -14.60
O5 FUC D . 23.37 -6.60 -13.32
#